data_7KG6
#
_entry.id   7KG6
#
_cell.length_a   66.585
_cell.length_b   88.965
_cell.length_c   94.727
_cell.angle_alpha   90.000
_cell.angle_beta   90.000
_cell.angle_gamma   90.000
#
_symmetry.space_group_name_H-M   'P 21 21 21'
#
loop_
_entity.id
_entity.type
_entity.pdbx_description
1 polymer 'Poly(ADP-ribose) glycohydrolase'
2 non-polymer '1-{2-[(1,3-dimethyl-2,6-dioxo-2,3,6,7-tetrahydro-1H-purin-8-yl)sulfanyl]ethyl}piperidine-4-carboxylic acid'
3 water water
#
_entity_poly.entity_id   1
_entity_poly.type   'polypeptide(L)'
_entity_poly.pdbx_seq_one_letter_code
;GSSPDKKWLGTPIEEMRRMPRCGIRLPLLRPSANHTVTIRVDLLRAGEVPKPFPTHYKDLWDNKHVKMPCSEQNLYPVED
ENGERTAGSRWELIQTALLNKFTRPQNLKDAILKYNVAYSKKWDFTALIDFWDKVLEEAEAQHLYQSILPDMVKIAL
(CME)LPNICTQPIPLLAAAMNHSITMSQEQIASLLANAFFCTFPRRNAKMKSEYSSYPDINFNRLFEGRSSRKPEKLKT
LFCYFRRVTAAAPTGLVTFTRQSLEDFPEWERCEKPLTRLHVTYEGTIEENGQGMLQVDFANRFVGGGVTSAGLVQEEIR
FLINPELIISRLFTEVLDHNECLIITGTEQYSEYTGYAETYRWSRSHEDGSERDDWQRRCTEIVAIDALHFRRYLDQFVP
EKMRRELNKAYCGFLRPGVSSENLSAVATGNWGCGAFGGDARLKALIQILAAAAAERDVVYFTFGDSELMRDIYSMHIFL
TERKLTVGDVYKLLLRYYNEECRNCSTPGPDIKLYPFIYHAVESCAETADHSGQRTGT
;
_entity_poly.pdbx_strand_id   A
#
loop_
_chem_comp.id
_chem_comp.type
_chem_comp.name
_chem_comp.formula
WDG non-polymer '1-{2-[(1,3-dimethyl-2,6-dioxo-2,3,6,7-tetrahydro-1H-purin-8-yl)sulfanyl]ethyl}piperidine-4-carboxylic acid' 'C15 H21 N5 O4 S'
#
# COMPACT_ATOMS: atom_id res chain seq x y z
N LYS A 6 21.77 13.65 19.36
CA LYS A 6 20.45 14.15 19.00
C LYS A 6 19.61 13.05 18.35
N LYS A 7 18.32 13.01 18.68
CA LYS A 7 17.44 12.00 18.08
C LYS A 7 16.99 12.37 16.66
N TRP A 8 17.14 13.62 16.26
CA TRP A 8 16.70 14.08 14.95
C TRP A 8 17.58 15.25 14.55
N LEU A 9 17.68 15.47 13.24
CA LEU A 9 18.53 16.53 12.72
C LEU A 9 17.80 17.27 11.61
N GLY A 10 18.16 18.54 11.43
CA GLY A 10 17.66 19.31 10.31
C GLY A 10 16.52 20.23 10.67
N THR A 11 15.55 20.36 9.76
CA THR A 11 14.39 21.20 10.01
C THR A 11 13.51 20.54 11.07
N PRO A 12 13.05 21.27 12.09
CA PRO A 12 12.11 20.67 13.03
C PRO A 12 10.90 20.12 12.29
N ILE A 13 10.38 18.99 12.76
CA ILE A 13 9.24 18.39 12.09
C ILE A 13 8.00 19.27 12.23
N GLU A 14 7.96 20.14 13.24
CA GLU A 14 6.82 21.03 13.41
C GLU A 14 6.71 22.04 12.26
N GLU A 15 7.80 22.31 11.56
CA GLU A 15 7.81 23.25 10.46
C GLU A 15 7.43 22.61 9.12
N MET A 16 7.22 21.30 9.10
CA MET A 16 6.89 20.58 7.87
C MET A 16 5.38 20.64 7.62
N ARG A 17 5.02 20.68 6.34
CA ARG A 17 3.61 20.75 5.96
C ARG A 17 2.93 19.40 6.13
N ARG A 18 1.71 19.45 6.67
CA ARG A 18 0.87 18.27 6.84
C ARG A 18 -0.55 18.59 6.43
N MET A 19 -1.29 17.55 6.01
CA MET A 19 -2.74 17.55 5.85
C MET A 19 -3.41 17.37 7.22
N PRO A 20 -4.61 17.94 7.41
CA PRO A 20 -5.34 18.70 6.39
C PRO A 20 -4.98 20.18 6.31
N ARG A 21 -4.17 20.66 7.25
CA ARG A 21 -3.99 22.11 7.37
C ARG A 21 -3.40 22.73 6.11
N CYS A 22 -2.56 21.99 5.37
CA CYS A 22 -1.91 22.55 4.20
C CYS A 22 -2.69 22.36 2.91
N GLY A 23 -3.78 21.61 2.94
CA GLY A 23 -4.47 21.26 1.72
C GLY A 23 -5.29 22.39 1.14
N ILE A 24 -5.58 22.27 -0.15
CA ILE A 24 -6.49 23.18 -0.82
C ILE A 24 -7.91 22.64 -0.63
N ARG A 25 -8.89 23.54 -0.65
CA ARG A 25 -10.28 23.12 -0.66
C ARG A 25 -10.50 22.09 -1.75
N LEU A 26 -11.12 20.97 -1.39
CA LEU A 26 -11.36 19.93 -2.37
C LEU A 26 -12.50 20.34 -3.30
N PRO A 27 -12.37 20.06 -4.60
CA PRO A 27 -13.53 20.24 -5.49
C PRO A 27 -14.66 19.30 -5.10
N LEU A 28 -15.83 19.58 -5.64
CA LEU A 28 -16.98 18.72 -5.39
C LEU A 28 -16.70 17.32 -5.89
N LEU A 29 -16.99 16.33 -5.06
CA LEU A 29 -16.80 14.94 -5.47
C LEU A 29 -17.84 14.58 -6.52
N ARG A 30 -17.37 14.09 -7.68
CA ARG A 30 -18.27 13.83 -8.79
C ARG A 30 -17.64 12.73 -9.64
N PRO A 31 -18.41 11.80 -10.16
CA PRO A 31 -17.84 10.87 -11.15
C PRO A 31 -17.52 11.59 -12.44
N SER A 32 -16.54 11.05 -13.17
CA SER A 32 -16.13 11.60 -14.45
C SER A 32 -15.43 10.50 -15.22
N ALA A 33 -14.91 10.85 -16.41
CA ALA A 33 -14.25 9.85 -17.23
C ALA A 33 -13.05 9.23 -16.52
N ASN A 34 -12.42 9.96 -15.61
CA ASN A 34 -11.22 9.47 -14.92
C ASN A 34 -11.43 9.28 -13.44
N HIS A 35 -12.68 9.30 -12.95
CA HIS A 35 -12.95 9.14 -11.53
C HIS A 35 -14.24 8.34 -11.35
N THR A 36 -14.10 7.10 -10.91
CA THR A 36 -15.22 6.24 -10.56
C THR A 36 -15.62 6.48 -9.12
N VAL A 37 -16.90 6.81 -8.90
CA VAL A 37 -17.42 7.10 -7.56
C VAL A 37 -18.61 6.17 -7.32
N THR A 38 -18.52 5.34 -6.29
CA THR A 38 -19.48 4.25 -6.11
C THR A 38 -20.52 4.55 -5.03
N ILE A 39 -20.66 5.80 -4.62
CA ILE A 39 -21.58 6.18 -3.57
C ILE A 39 -22.35 7.42 -4.00
N ARG A 40 -23.44 7.69 -3.29
CA ARG A 40 -24.28 8.85 -3.58
C ARG A 40 -23.64 10.08 -2.98
N VAL A 41 -23.04 10.93 -3.83
CA VAL A 41 -22.34 12.09 -3.32
C VAL A 41 -23.32 13.09 -2.73
N ASP A 42 -24.53 13.19 -3.28
CA ASP A 42 -25.52 14.13 -2.76
C ASP A 42 -25.97 13.78 -1.35
N LEU A 43 -25.78 12.53 -0.92
CA LEU A 43 -26.16 12.08 0.41
C LEU A 43 -24.95 11.83 1.31
N LEU A 44 -23.76 12.19 0.88
CA LEU A 44 -22.58 11.96 1.71
C LEU A 44 -22.63 12.91 2.90
N ARG A 45 -22.65 12.36 4.12
CA ARG A 45 -22.70 13.20 5.31
C ARG A 45 -21.83 12.60 6.40
N ALA A 46 -21.13 13.47 7.12
CA ALA A 46 -20.25 13.04 8.19
C ALA A 46 -21.02 12.13 9.16
N GLY A 47 -20.41 10.98 9.49
CA GLY A 47 -20.98 10.09 10.47
C GLY A 47 -22.11 9.22 9.99
N GLU A 48 -22.49 9.33 8.73
CA GLU A 48 -23.54 8.49 8.14
C GLU A 48 -22.91 7.50 7.19
N VAL A 49 -23.39 6.26 7.22
CA VAL A 49 -22.92 5.27 6.26
C VAL A 49 -23.27 5.73 4.86
N PRO A 50 -22.33 5.78 3.92
CA PRO A 50 -22.66 6.21 2.56
C PRO A 50 -23.61 5.25 1.86
N LYS A 51 -24.47 5.81 1.01
CA LYS A 51 -25.41 5.02 0.23
C LYS A 51 -24.80 4.63 -1.11
N PRO A 52 -24.82 3.35 -1.47
CA PRO A 52 -24.27 2.96 -2.77
C PRO A 52 -25.02 3.59 -3.93
N PHE A 53 -24.27 3.92 -4.97
CA PHE A 53 -24.84 4.29 -6.24
C PHE A 53 -24.30 3.35 -7.31
N PRO A 54 -25.16 2.76 -8.16
CA PRO A 54 -26.61 2.93 -8.16
C PRO A 54 -27.31 2.14 -7.07
N THR A 55 -28.63 2.26 -7.02
CA THR A 55 -29.40 1.63 -5.97
C THR A 55 -29.52 0.13 -6.19
N HIS A 56 -29.65 -0.31 -7.44
CA HIS A 56 -29.77 -1.72 -7.79
C HIS A 56 -28.48 -2.18 -8.47
N TYR A 57 -28.06 -3.41 -8.16
CA TYR A 57 -26.83 -3.97 -8.70
C TYR A 57 -26.78 -3.88 -10.21
N LYS A 58 -25.65 -3.41 -10.74
CA LYS A 58 -25.35 -3.45 -12.16
C LYS A 58 -24.06 -4.24 -12.34
N ASP A 59 -24.05 -5.16 -13.30
CA ASP A 59 -22.93 -6.08 -13.48
C ASP A 59 -22.22 -5.80 -14.79
N LEU A 60 -20.89 -5.83 -14.74
CA LEU A 60 -20.06 -5.87 -15.95
C LEU A 60 -19.08 -7.01 -15.78
N TRP A 61 -19.08 -7.93 -16.74
CA TRP A 61 -18.21 -9.11 -16.75
C TRP A 61 -17.36 -9.02 -18.02
N ASP A 62 -16.21 -8.37 -17.94
CA ASP A 62 -15.39 -8.16 -19.12
C ASP A 62 -13.95 -7.89 -18.68
N ASN A 63 -13.10 -7.58 -19.65
CA ASN A 63 -11.67 -7.45 -19.37
C ASN A 63 -11.27 -6.09 -18.83
N LYS A 64 -12.23 -5.19 -18.60
CA LYS A 64 -11.93 -3.87 -18.05
C LYS A 64 -12.47 -3.67 -16.65
N HIS A 65 -13.10 -4.67 -16.03
CA HIS A 65 -13.72 -4.49 -14.74
C HIS A 65 -13.48 -5.71 -13.87
N VAL A 66 -13.55 -5.50 -12.56
CA VAL A 66 -13.48 -6.62 -11.62
C VAL A 66 -14.57 -7.62 -11.95
N LYS A 67 -14.23 -8.90 -11.96
CA LYS A 67 -15.20 -9.97 -12.15
C LYS A 67 -15.78 -10.31 -10.78
N MET A 68 -17.00 -9.84 -10.53
CA MET A 68 -17.57 -9.94 -9.20
C MET A 68 -18.04 -11.36 -8.92
N PRO A 69 -17.86 -11.85 -7.69
CA PRO A 69 -18.35 -13.20 -7.39
C PRO A 69 -19.84 -13.35 -7.52
N CYS A 70 -20.60 -12.27 -7.36
CA CYS A 70 -22.06 -12.30 -7.42
C CYS A 70 -22.59 -12.09 -8.83
N SER A 71 -21.71 -12.03 -9.83
CA SER A 71 -22.16 -11.91 -11.21
C SER A 71 -22.96 -13.12 -11.63
N GLU A 72 -24.06 -12.89 -12.35
CA GLU A 72 -24.77 -14.02 -12.95
C GLU A 72 -23.90 -14.77 -13.94
N GLN A 73 -22.81 -14.16 -14.41
CA GLN A 73 -21.90 -14.82 -15.33
C GLN A 73 -20.78 -15.58 -14.61
N ASN A 74 -20.76 -15.57 -13.28
CA ASN A 74 -19.84 -16.40 -12.51
C ASN A 74 -20.45 -17.79 -12.40
N LEU A 75 -20.04 -18.67 -13.30
CA LEU A 75 -20.64 -19.98 -13.45
C LEU A 75 -19.60 -21.07 -13.25
N TYR A 76 -20.08 -22.30 -13.13
CA TYR A 76 -19.21 -23.47 -13.02
C TYR A 76 -19.84 -24.68 -13.69
N ALA A 87 -24.14 -25.62 -16.65
CA ALA A 87 -23.59 -24.52 -15.87
C ALA A 87 -24.49 -24.18 -14.69
N GLY A 88 -23.88 -24.04 -13.51
CA GLY A 88 -24.57 -23.62 -12.32
C GLY A 88 -24.03 -22.30 -11.80
N SER A 89 -24.76 -21.66 -10.89
CA SER A 89 -24.37 -20.35 -10.39
C SER A 89 -23.37 -20.49 -9.26
N ARG A 90 -22.15 -19.97 -9.46
CA ARG A 90 -21.16 -20.02 -8.38
C ARG A 90 -21.60 -19.18 -7.18
N TRP A 91 -22.32 -18.09 -7.41
CA TRP A 91 -22.76 -17.26 -6.28
C TRP A 91 -23.77 -18.01 -5.41
N GLU A 92 -24.70 -18.74 -6.03
CA GLU A 92 -25.61 -19.59 -5.26
C GLU A 92 -24.83 -20.64 -4.47
N LEU A 93 -23.79 -21.21 -5.07
CA LEU A 93 -22.96 -22.20 -4.37
C LEU A 93 -22.24 -21.58 -3.18
N ILE A 94 -21.68 -20.38 -3.37
CA ILE A 94 -21.01 -19.68 -2.29
C ILE A 94 -21.98 -19.44 -1.14
N GLN A 95 -23.21 -19.02 -1.47
CA GLN A 95 -24.20 -18.77 -0.43
C GLN A 95 -24.50 -20.05 0.35
N THR A 96 -24.75 -21.15 -0.34
CA THR A 96 -25.05 -22.40 0.36
C THR A 96 -23.87 -22.84 1.21
N ALA A 97 -22.65 -22.69 0.68
CA ALA A 97 -21.48 -23.16 1.42
C ALA A 97 -21.25 -22.34 2.68
N LEU A 98 -21.41 -21.01 2.60
CA LEU A 98 -21.01 -20.16 3.73
C LEU A 98 -22.11 -20.02 4.79
N LEU A 99 -23.34 -20.36 4.48
CA LEU A 99 -24.46 -20.21 5.42
C LEU A 99 -24.67 -21.49 6.23
N ASN A 100 -23.58 -21.99 6.79
CA ASN A 100 -23.58 -23.14 7.66
C ASN A 100 -22.88 -22.76 8.95
N LYS A 101 -23.29 -23.39 10.04
CA LYS A 101 -22.58 -23.21 11.29
C LYS A 101 -21.15 -23.69 11.13
N PHE A 102 -20.19 -22.89 11.60
CA PHE A 102 -18.83 -23.37 11.80
C PHE A 102 -18.66 -23.59 13.30
N THR A 103 -18.11 -24.73 13.66
CA THR A 103 -17.70 -24.98 15.04
C THR A 103 -16.27 -25.49 15.12
N ARG A 104 -15.68 -25.91 14.01
CA ARG A 104 -14.32 -26.44 13.92
C ARG A 104 -13.68 -25.89 12.65
N PRO A 105 -12.36 -25.71 12.65
CA PRO A 105 -11.72 -25.11 11.46
C PRO A 105 -11.94 -25.91 10.18
N GLN A 106 -12.06 -27.23 10.28
CA GLN A 106 -12.33 -28.03 9.08
C GLN A 106 -13.64 -27.59 8.42
N ASN A 107 -14.63 -27.16 9.20
CA ASN A 107 -15.87 -26.69 8.60
C ASN A 107 -15.62 -25.51 7.66
N LEU A 108 -14.76 -24.59 8.08
CA LEU A 108 -14.48 -23.41 7.24
C LEU A 108 -13.67 -23.79 6.02
N LYS A 109 -12.65 -24.65 6.19
CA LYS A 109 -11.93 -25.16 5.03
C LYS A 109 -12.89 -25.82 4.04
N ASP A 110 -13.73 -26.73 4.51
CA ASP A 110 -14.63 -27.44 3.62
C ASP A 110 -15.55 -26.47 2.88
N ALA A 111 -16.03 -25.44 3.59
CA ALA A 111 -16.91 -24.46 2.97
C ALA A 111 -16.21 -23.73 1.84
N ILE A 112 -15.01 -23.22 2.09
CA ILE A 112 -14.29 -22.47 1.06
C ILE A 112 -14.00 -23.37 -0.13
N LEU A 113 -13.71 -24.65 0.11
CA LEU A 113 -13.36 -25.53 -1.00
C LEU A 113 -14.56 -26.00 -1.80
N LYS A 114 -15.80 -25.83 -1.30
CA LYS A 114 -16.95 -26.26 -2.07
C LYS A 114 -17.10 -25.47 -3.37
N TYR A 115 -16.71 -24.19 -3.38
CA TYR A 115 -16.70 -23.40 -4.61
C TYR A 115 -15.28 -23.16 -5.12
N ASN A 116 -14.32 -23.98 -4.67
CA ASN A 116 -12.94 -23.94 -5.16
C ASN A 116 -12.42 -25.37 -5.33
N VAL A 117 -13.26 -26.24 -5.90
CA VAL A 117 -12.96 -27.66 -5.91
C VAL A 117 -11.65 -27.94 -6.64
N ALA A 118 -11.35 -27.16 -7.67
CA ALA A 118 -10.13 -27.37 -8.45
C ALA A 118 -8.87 -27.18 -7.60
N TYR A 119 -8.98 -26.51 -6.45
CA TYR A 119 -7.84 -26.20 -5.60
C TYR A 119 -7.85 -26.98 -4.30
N SER A 120 -8.68 -28.02 -4.20
CA SER A 120 -8.79 -28.74 -2.94
C SER A 120 -7.53 -29.53 -2.63
N LYS A 121 -6.78 -29.93 -3.65
CA LYS A 121 -5.49 -30.57 -3.42
C LYS A 121 -4.34 -29.57 -3.35
N LYS A 122 -4.55 -28.34 -3.83
CA LYS A 122 -3.46 -27.39 -3.96
C LYS A 122 -3.36 -26.42 -2.78
N TRP A 123 -4.49 -26.09 -2.16
CA TRP A 123 -4.51 -25.11 -1.08
C TRP A 123 -4.36 -25.80 0.26
N ASP A 124 -3.41 -25.33 1.06
CA ASP A 124 -3.18 -25.82 2.40
C ASP A 124 -3.82 -24.88 3.41
N PHE A 125 -4.44 -25.45 4.44
CA PHE A 125 -5.12 -24.67 5.47
C PHE A 125 -4.48 -24.83 6.85
N THR A 126 -3.24 -25.32 6.89
CA THR A 126 -2.57 -25.61 8.15
C THR A 126 -2.53 -24.39 9.07
N ALA A 127 -2.22 -23.21 8.53
CA ALA A 127 -2.13 -22.04 9.39
C ALA A 127 -3.50 -21.64 9.93
N LEU A 128 -4.56 -21.79 9.15
CA LEU A 128 -5.89 -21.47 9.66
C LEU A 128 -6.29 -22.46 10.77
N ILE A 129 -6.05 -23.75 10.55
CA ILE A 129 -6.36 -24.76 11.55
C ILE A 129 -5.55 -24.52 12.82
N ASP A 130 -4.25 -24.23 12.66
CA ASP A 130 -3.40 -24.02 13.82
C ASP A 130 -3.80 -22.77 14.59
N PHE A 131 -4.17 -21.71 13.87
CA PHE A 131 -4.61 -20.49 14.54
C PHE A 131 -5.82 -20.77 15.43
N TRP A 132 -6.85 -21.38 14.84
CA TRP A 132 -8.09 -21.65 15.54
C TRP A 132 -7.90 -22.66 16.66
N ASP A 133 -7.18 -23.75 16.39
CA ASP A 133 -7.07 -24.85 17.35
C ASP A 133 -5.91 -24.70 18.32
N LYS A 134 -4.81 -24.07 17.91
CA LYS A 134 -3.57 -24.15 18.67
C LYS A 134 -3.05 -22.82 19.17
N VAL A 135 -3.50 -21.70 18.62
CA VAL A 135 -3.12 -20.38 19.11
C VAL A 135 -4.19 -19.78 20.00
N LEU A 136 -5.44 -19.77 19.55
CA LEU A 136 -6.51 -19.15 20.31
C LEU A 136 -6.88 -19.99 21.52
N GLU A 137 -7.17 -19.31 22.63
CA GLU A 137 -7.80 -19.98 23.76
C GLU A 137 -9.25 -20.28 23.43
N GLU A 138 -9.89 -21.11 24.26
CA GLU A 138 -11.23 -21.60 23.92
C GLU A 138 -12.21 -20.45 23.70
N ALA A 139 -12.21 -19.46 24.61
CA ALA A 139 -13.17 -18.36 24.49
C ALA A 139 -12.92 -17.52 23.24
N GLU A 140 -11.67 -17.35 22.83
CA GLU A 140 -11.38 -16.60 21.62
C GLU A 140 -11.84 -17.37 20.39
N ALA A 141 -11.54 -18.67 20.35
CA ALA A 141 -12.05 -19.52 19.28
C ALA A 141 -13.57 -19.47 19.22
N GLN A 142 -14.23 -19.53 20.37
CA GLN A 142 -15.68 -19.50 20.38
C GLN A 142 -16.21 -18.18 19.83
N HIS A 143 -15.60 -17.07 20.23
CA HIS A 143 -16.01 -15.78 19.68
C HIS A 143 -15.78 -15.74 18.17
N LEU A 144 -14.68 -16.34 17.71
CA LEU A 144 -14.39 -16.35 16.28
C LEU A 144 -15.50 -17.05 15.49
N TYR A 145 -15.91 -18.26 15.91
CA TYR A 145 -16.88 -18.98 15.09
C TYR A 145 -18.32 -18.68 15.45
N GLN A 146 -18.59 -18.15 16.65
CA GLN A 146 -19.96 -17.79 16.97
C GLN A 146 -20.33 -16.38 16.51
N SER A 147 -19.37 -15.46 16.44
CA SER A 147 -19.67 -14.07 16.13
C SER A 147 -18.91 -13.55 14.92
N ILE A 148 -17.58 -13.59 14.91
CA ILE A 148 -16.82 -12.90 13.88
C ILE A 148 -17.05 -13.54 12.51
N LEU A 149 -16.82 -14.85 12.39
CA LEU A 149 -16.96 -15.48 11.08
C LEU A 149 -18.38 -15.36 10.53
N PRO A 150 -19.43 -15.63 11.31
CA PRO A 150 -20.80 -15.41 10.79
C PRO A 150 -21.04 -13.98 10.35
N ASP A 151 -20.52 -13.00 11.09
CA ASP A 151 -20.67 -11.61 10.68
C ASP A 151 -19.88 -11.32 9.41
N MET A 152 -18.73 -11.97 9.24
CA MET A 152 -17.98 -11.80 7.99
C MET A 152 -18.74 -12.41 6.82
N VAL A 153 -19.37 -13.57 7.02
CA VAL A 153 -20.16 -14.18 5.96
C VAL A 153 -21.29 -13.25 5.54
N LYS A 154 -21.99 -12.67 6.51
CA LYS A 154 -23.13 -11.82 6.20
C LYS A 154 -22.71 -10.61 5.40
N ILE A 155 -21.60 -9.96 5.75
CA ILE A 155 -21.21 -8.78 4.97
C ILE A 155 -20.70 -9.20 3.60
N ALA A 156 -20.04 -10.36 3.50
CA ALA A 156 -19.64 -10.87 2.19
C ALA A 156 -20.85 -11.15 1.31
N LEU A 157 -21.87 -11.82 1.86
CA LEU A 157 -23.01 -12.21 1.04
C LEU A 157 -23.88 -10.99 0.70
N CME A 158 -23.67 -9.88 1.39
CA CME A 158 -24.39 -8.65 1.10
CB CME A 158 -24.42 -7.69 2.28
SG CME A 158 -25.70 -8.01 3.45
SD CME A 158 -27.45 -7.27 2.55
CE CME A 158 -27.25 -5.54 2.63
C CME A 158 -23.80 -7.87 -0.09
O CME A 158 -24.25 -6.79 -0.48
HE2 CME A 158 -28.03 -5.15 1.91
HE3 CME A 158 -26.25 -5.22 2.24
N LEU A 159 -22.77 -8.44 -0.70
CA LEU A 159 -22.02 -7.73 -1.74
C LEU A 159 -22.87 -7.09 -2.87
N PRO A 160 -23.83 -7.82 -3.45
CA PRO A 160 -24.61 -7.21 -4.56
C PRO A 160 -25.44 -6.02 -4.13
N ASN A 161 -25.74 -5.88 -2.84
CA ASN A 161 -26.46 -4.73 -2.32
C ASN A 161 -25.53 -3.61 -1.86
N ILE A 162 -24.25 -3.91 -1.69
CA ILE A 162 -23.27 -2.95 -1.20
C ILE A 162 -22.42 -2.38 -2.32
N CYS A 163 -21.89 -3.25 -3.18
CA CYS A 163 -21.03 -2.86 -4.29
C CYS A 163 -21.87 -2.98 -5.56
N THR A 164 -22.76 -2.00 -5.77
CA THR A 164 -23.73 -2.08 -6.85
C THR A 164 -23.17 -1.59 -8.18
N GLN A 165 -22.04 -0.89 -8.17
CA GLN A 165 -21.51 -0.29 -9.38
C GLN A 165 -20.26 -1.03 -9.83
N PRO A 166 -20.13 -1.35 -11.11
CA PRO A 166 -18.92 -2.02 -11.59
C PRO A 166 -17.65 -1.27 -11.21
N ILE A 167 -16.63 -2.03 -10.84
CA ILE A 167 -15.35 -1.48 -10.40
C ILE A 167 -14.36 -1.65 -11.56
N PRO A 168 -13.90 -0.57 -12.18
CA PRO A 168 -12.93 -0.72 -13.28
C PRO A 168 -11.58 -1.16 -12.76
N LEU A 169 -10.88 -1.92 -13.58
CA LEU A 169 -9.49 -2.22 -13.29
C LEU A 169 -8.65 -0.97 -13.51
N LEU A 170 -7.77 -0.67 -12.56
CA LEU A 170 -6.74 0.35 -12.75
C LEU A 170 -5.61 -0.34 -13.49
N ALA A 171 -5.72 -0.39 -14.82
CA ALA A 171 -4.78 -1.11 -15.67
C ALA A 171 -3.59 -0.22 -16.01
N ALA A 172 -2.55 -0.87 -16.54
CA ALA A 172 -1.31 -0.18 -16.88
C ALA A 172 -1.58 0.99 -17.81
N ALA A 173 -0.90 2.11 -17.56
CA ALA A 173 -0.95 3.34 -18.32
C ALA A 173 -2.24 4.11 -18.08
N MET A 174 -3.15 3.63 -17.23
CA MET A 174 -4.35 4.39 -16.93
C MET A 174 -4.05 5.43 -15.86
N ASN A 175 -4.58 6.64 -16.05
CA ASN A 175 -4.59 7.68 -15.04
C ASN A 175 -6.04 7.79 -14.56
N HIS A 176 -6.35 7.09 -13.47
CA HIS A 176 -7.74 6.90 -13.09
C HIS A 176 -7.84 6.69 -11.59
N SER A 177 -8.98 7.08 -11.03
CA SER A 177 -9.23 7.03 -9.60
C SER A 177 -10.55 6.35 -9.33
N ILE A 178 -10.59 5.60 -8.23
CA ILE A 178 -11.81 4.99 -7.71
C ILE A 178 -11.99 5.49 -6.29
N THR A 179 -13.16 6.06 -6.00
CA THR A 179 -13.54 6.41 -4.64
C THR A 179 -14.75 5.60 -4.23
N MET A 180 -14.62 4.88 -3.12
CA MET A 180 -15.60 3.93 -2.62
C MET A 180 -15.67 4.07 -1.12
N SER A 181 -16.69 3.49 -0.51
CA SER A 181 -16.83 3.60 0.94
C SER A 181 -16.03 2.51 1.65
N GLN A 182 -15.60 2.83 2.87
CA GLN A 182 -14.98 1.82 3.72
C GLN A 182 -15.88 0.59 3.88
N GLU A 183 -17.20 0.80 3.93
CA GLU A 183 -18.12 -0.33 4.06
C GLU A 183 -18.08 -1.22 2.83
N GLN A 184 -18.03 -0.62 1.63
CA GLN A 184 -17.89 -1.42 0.41
C GLN A 184 -16.59 -2.20 0.43
N ILE A 185 -15.51 -1.58 0.91
CA ILE A 185 -14.23 -2.27 0.99
C ILE A 185 -14.32 -3.45 1.95
N ALA A 186 -15.02 -3.28 3.07
CA ALA A 186 -15.17 -4.37 4.02
C ALA A 186 -15.89 -5.57 3.39
N SER A 187 -16.93 -5.32 2.61
CA SER A 187 -17.66 -6.41 1.97
C SER A 187 -16.76 -7.13 0.98
N LEU A 188 -16.00 -6.38 0.19
CA LEU A 188 -15.08 -6.98 -0.76
C LEU A 188 -13.96 -7.75 -0.05
N LEU A 189 -13.43 -7.20 1.05
CA LEU A 189 -12.36 -7.94 1.73
C LEU A 189 -12.90 -9.19 2.43
N ALA A 190 -14.14 -9.17 2.90
CA ALA A 190 -14.73 -10.40 3.45
C ALA A 190 -14.80 -11.47 2.37
N ASN A 191 -15.16 -11.08 1.15
CA ASN A 191 -15.14 -12.02 0.03
C ASN A 191 -13.73 -12.52 -0.25
N ALA A 192 -12.72 -11.66 -0.18
CA ALA A 192 -11.35 -12.12 -0.38
C ALA A 192 -10.96 -13.12 0.71
N PHE A 193 -11.37 -12.86 1.94
CA PHE A 193 -11.09 -13.81 3.01
C PHE A 193 -11.67 -15.19 2.69
N PHE A 194 -12.92 -15.23 2.23
CA PHE A 194 -13.56 -16.50 1.87
C PHE A 194 -13.18 -16.97 0.48
N CYS A 195 -12.26 -16.27 -0.20
CA CYS A 195 -11.70 -16.70 -1.47
C CYS A 195 -12.76 -16.86 -2.55
N THR A 196 -13.64 -15.86 -2.67
CA THR A 196 -14.74 -15.97 -3.62
C THR A 196 -14.46 -15.32 -4.97
N PHE A 197 -13.35 -14.61 -5.14
CA PHE A 197 -13.17 -13.87 -6.39
C PHE A 197 -12.75 -14.82 -7.51
N PRO A 198 -13.54 -14.93 -8.58
CA PRO A 198 -13.22 -15.88 -9.64
C PRO A 198 -12.14 -15.35 -10.58
N ARG A 199 -11.46 -16.31 -11.22
CA ARG A 199 -10.39 -16.06 -12.17
C ARG A 199 -9.13 -15.49 -11.53
N ARG A 200 -9.02 -15.55 -10.20
CA ARG A 200 -7.87 -14.97 -9.52
C ARG A 200 -7.00 -16.02 -8.83
N ASN A 201 -7.10 -17.28 -9.25
CA ASN A 201 -6.50 -18.36 -8.47
C ASN A 201 -5.44 -19.16 -9.19
N ALA A 202 -5.59 -19.41 -10.48
CA ALA A 202 -4.72 -20.37 -11.16
C ALA A 202 -3.30 -19.83 -11.28
N LYS A 203 -2.32 -20.70 -11.00
CA LYS A 203 -0.92 -20.30 -11.16
C LYS A 203 -0.59 -19.98 -12.60
N MET A 204 -1.20 -20.68 -13.56
CA MET A 204 -0.94 -20.47 -14.98
C MET A 204 -2.04 -19.65 -15.65
N LYS A 205 -2.63 -18.71 -14.92
CA LYS A 205 -3.67 -17.87 -15.51
C LYS A 205 -3.07 -16.89 -16.52
N SER A 206 -3.79 -16.67 -17.61
CA SER A 206 -3.47 -15.57 -18.53
C SER A 206 -4.16 -14.30 -18.06
N GLU A 207 -5.49 -14.31 -18.07
CA GLU A 207 -6.23 -13.20 -17.47
C GLU A 207 -5.76 -13.02 -16.03
N TYR A 208 -5.51 -11.77 -15.67
CA TYR A 208 -5.12 -11.39 -14.31
C TYR A 208 -3.73 -11.87 -13.92
N SER A 209 -2.92 -12.36 -14.85
CA SER A 209 -1.56 -12.76 -14.50
C SER A 209 -0.71 -11.56 -14.10
N SER A 210 -1.10 -10.36 -14.53
CA SER A 210 -0.39 -9.13 -14.20
C SER A 210 -1.02 -8.40 -13.02
N TYR A 211 -1.90 -9.07 -12.28
CA TYR A 211 -2.51 -8.52 -11.08
C TYR A 211 -2.07 -9.31 -9.85
N PRO A 212 -2.08 -8.68 -8.68
CA PRO A 212 -1.67 -9.41 -7.46
C PRO A 212 -2.74 -10.41 -7.05
N ASP A 213 -2.35 -11.33 -6.18
CA ASP A 213 -3.34 -12.18 -5.53
C ASP A 213 -4.30 -11.32 -4.73
N ILE A 214 -5.57 -11.71 -4.70
CA ILE A 214 -6.55 -11.04 -3.85
C ILE A 214 -7.18 -12.01 -2.85
N ASN A 215 -7.57 -13.21 -3.30
CA ASN A 215 -8.10 -14.19 -2.37
C ASN A 215 -7.06 -14.56 -1.32
N PHE A 216 -7.52 -14.87 -0.11
CA PHE A 216 -6.62 -14.97 1.04
C PHE A 216 -6.07 -16.39 1.27
N ASN A 217 -6.20 -17.30 0.31
CA ASN A 217 -5.92 -18.71 0.61
C ASN A 217 -4.49 -18.93 1.11
N ARG A 218 -3.52 -18.16 0.61
CA ARG A 218 -2.15 -18.37 1.07
C ARG A 218 -1.90 -17.87 2.48
N LEU A 219 -2.83 -17.09 3.04
CA LEU A 219 -2.72 -16.77 4.46
C LEU A 219 -2.96 -17.97 5.34
N PHE A 220 -3.61 -19.00 4.79
CA PHE A 220 -4.00 -20.16 5.54
C PHE A 220 -2.98 -21.30 5.50
N GLU A 221 -1.91 -21.17 4.71
CA GLU A 221 -1.01 -22.31 4.49
C GLU A 221 0.22 -22.23 5.37
N GLY A 222 0.77 -23.40 5.71
CA GLY A 222 2.05 -23.49 6.38
C GLY A 222 2.00 -23.25 7.87
N ARG A 223 3.19 -23.15 8.47
CA ARG A 223 3.29 -23.14 9.92
C ARG A 223 4.17 -22.03 10.45
N SER A 224 4.29 -20.94 9.71
CA SER A 224 5.09 -19.84 10.22
C SER A 224 4.42 -19.25 11.46
N SER A 225 5.24 -18.87 12.44
CA SER A 225 4.69 -18.11 13.56
C SER A 225 4.17 -16.75 13.12
N ARG A 226 4.41 -16.37 11.86
CA ARG A 226 3.92 -15.08 11.37
C ARG A 226 2.41 -15.12 11.11
N LYS A 227 1.93 -16.21 10.55
CA LYS A 227 0.53 -16.26 10.13
C LYS A 227 -0.44 -15.99 11.26
N PRO A 228 -0.26 -16.54 12.46
CA PRO A 228 -1.18 -16.20 13.57
C PRO A 228 -1.24 -14.71 13.82
N GLU A 229 -0.08 -14.04 13.76
CA GLU A 229 -0.06 -12.60 13.97
C GLU A 229 -0.78 -11.87 12.85
N LYS A 230 -0.60 -12.33 11.61
CA LYS A 230 -1.33 -11.73 10.50
C LYS A 230 -2.83 -11.92 10.65
N LEU A 231 -3.24 -13.12 11.08
CA LEU A 231 -4.66 -13.39 11.25
C LEU A 231 -5.24 -12.59 12.41
N LYS A 232 -4.51 -12.46 13.51
CA LYS A 232 -5.00 -11.60 14.59
C LYS A 232 -5.20 -10.17 14.09
N THR A 233 -4.26 -9.68 13.27
CA THR A 233 -4.38 -8.30 12.80
C THR A 233 -5.59 -8.14 11.90
N LEU A 234 -5.85 -9.12 11.02
CA LEU A 234 -6.98 -9.02 10.11
C LEU A 234 -8.30 -9.24 10.84
N PHE A 235 -8.36 -10.19 11.76
CA PHE A 235 -9.60 -10.41 12.48
C PHE A 235 -9.95 -9.24 13.40
N CYS A 236 -8.94 -8.51 13.88
CA CYS A 236 -9.21 -7.25 14.58
C CYS A 236 -9.99 -6.30 13.66
N TYR A 237 -9.50 -6.12 12.43
CA TYR A 237 -10.21 -5.30 11.47
C TYR A 237 -11.62 -5.83 11.21
N PHE A 238 -11.73 -7.14 10.93
CA PHE A 238 -13.04 -7.68 10.56
C PHE A 238 -14.03 -7.54 11.70
N ARG A 239 -13.57 -7.76 12.94
CA ARG A 239 -14.45 -7.58 14.08
C ARG A 239 -14.94 -6.15 14.19
N ARG A 240 -14.05 -5.19 13.92
CA ARG A 240 -14.43 -3.78 14.05
C ARG A 240 -15.45 -3.38 13.00
N VAL A 241 -15.22 -3.75 11.74
CA VAL A 241 -16.04 -3.22 10.66
C VAL A 241 -17.33 -4.01 10.46
N THR A 242 -17.45 -5.22 11.01
CA THR A 242 -18.74 -5.89 11.00
C THR A 242 -19.60 -5.50 12.19
N ALA A 243 -18.98 -5.08 13.29
CA ALA A 243 -19.74 -4.65 14.46
C ALA A 243 -20.33 -3.26 14.26
N ALA A 244 -19.58 -2.35 13.62
CA ALA A 244 -20.07 -0.99 13.38
C ALA A 244 -19.49 -0.53 12.05
N ALA A 245 -20.35 -0.34 11.07
CA ALA A 245 -19.89 -0.01 9.73
C ALA A 245 -19.07 1.27 9.76
N PRO A 246 -17.87 1.28 9.17
CA PRO A 246 -17.16 2.55 9.01
C PRO A 246 -17.91 3.46 8.05
N THR A 247 -17.79 4.77 8.27
CA THR A 247 -18.61 5.74 7.57
C THR A 247 -17.87 6.51 6.49
N GLY A 248 -16.58 6.30 6.31
CA GLY A 248 -15.77 7.13 5.45
C GLY A 248 -15.61 6.58 4.04
N LEU A 249 -14.81 7.33 3.26
CA LEU A 249 -14.49 7.00 1.88
C LEU A 249 -12.99 6.80 1.73
N VAL A 250 -12.61 6.06 0.70
CA VAL A 250 -11.21 5.84 0.32
C VAL A 250 -11.08 6.07 -1.18
N THR A 251 -10.00 6.72 -1.59
CA THR A 251 -9.70 6.94 -3.01
C THR A 251 -8.45 6.16 -3.38
N PHE A 252 -8.51 5.48 -4.53
CA PHE A 252 -7.38 4.76 -5.10
C PHE A 252 -7.08 5.40 -6.45
N THR A 253 -5.87 5.95 -6.61
CA THR A 253 -5.52 6.65 -7.84
C THR A 253 -4.29 6.00 -8.44
N ARG A 254 -4.43 5.50 -9.67
CA ARG A 254 -3.28 5.06 -10.43
C ARG A 254 -2.75 6.28 -11.19
N GLN A 255 -1.45 6.54 -11.05
CA GLN A 255 -0.81 7.68 -11.70
C GLN A 255 0.37 7.21 -12.54
N SER A 256 0.39 7.65 -13.80
CA SER A 256 1.35 7.25 -14.81
C SER A 256 1.83 8.51 -15.51
N LEU A 257 3.11 8.82 -15.37
CA LEU A 257 3.66 10.04 -15.95
C LEU A 257 4.42 9.74 -17.25
N GLU A 258 4.34 10.68 -18.19
CA GLU A 258 5.11 10.59 -19.43
C GLU A 258 6.23 11.61 -19.52
N ASP A 259 6.06 12.79 -18.93
CA ASP A 259 7.07 13.84 -18.96
C ASP A 259 7.90 13.74 -17.68
N PHE A 260 9.14 13.26 -17.81
CA PHE A 260 10.05 13.15 -16.67
C PHE A 260 11.19 14.15 -16.79
N PRO A 261 11.68 14.66 -15.66
CA PRO A 261 12.68 15.72 -15.73
C PRO A 261 13.92 15.26 -16.49
N GLU A 262 14.59 16.23 -17.12
CA GLU A 262 15.96 16.08 -17.59
C GLU A 262 16.84 16.31 -16.37
N TRP A 263 17.15 15.24 -15.63
CA TRP A 263 17.73 15.38 -14.30
C TRP A 263 19.05 16.13 -14.33
N GLU A 264 19.86 15.92 -15.37
CA GLU A 264 21.16 16.59 -15.44
C GLU A 264 21.02 18.11 -15.62
N ARG A 265 19.88 18.59 -16.08
CA ARG A 265 19.70 20.02 -16.35
C ARG A 265 18.72 20.69 -15.40
N CYS A 266 18.27 20.00 -14.36
CA CYS A 266 17.30 20.56 -13.43
C CYS A 266 17.99 21.57 -12.53
N GLU A 267 17.51 22.82 -12.55
CA GLU A 267 18.11 23.90 -11.78
C GLU A 267 17.41 24.13 -10.44
N LYS A 268 16.52 23.23 -10.06
CA LYS A 268 15.80 23.37 -8.79
C LYS A 268 16.77 23.17 -7.62
N PRO A 269 16.61 23.94 -6.54
CA PRO A 269 17.39 23.68 -5.33
C PRO A 269 16.79 22.52 -4.54
N LEU A 270 17.57 22.03 -3.59
CA LEU A 270 17.06 21.02 -2.67
C LEU A 270 16.04 21.64 -1.74
N THR A 271 15.15 20.81 -1.21
CA THR A 271 14.17 21.27 -0.24
C THR A 271 14.64 20.90 1.16
N ARG A 272 13.77 21.06 2.16
CA ARG A 272 14.14 20.87 3.55
C ARG A 272 14.12 19.40 3.94
N LEU A 273 14.88 19.08 4.99
CA LEU A 273 15.02 17.73 5.50
C LEU A 273 14.91 17.71 7.02
N HIS A 274 14.05 16.84 7.51
CA HIS A 274 14.06 16.35 8.90
C HIS A 274 14.44 14.88 8.82
N VAL A 275 15.51 14.48 9.50
CA VAL A 275 15.93 13.08 9.50
C VAL A 275 16.11 12.64 10.94
N THR A 276 15.63 11.44 11.26
CA THR A 276 15.59 10.97 12.64
C THR A 276 15.70 9.45 12.65
N TYR A 277 16.34 8.92 13.70
CA TYR A 277 16.43 7.48 13.84
C TYR A 277 15.35 6.91 14.76
N GLU A 278 14.45 7.74 15.27
CA GLU A 278 13.32 7.31 16.07
C GLU A 278 12.01 7.58 15.33
N GLY A 279 10.98 6.86 15.71
CA GLY A 279 9.67 7.04 15.13
C GLY A 279 9.43 6.20 13.88
N THR A 280 8.22 6.29 13.38
CA THR A 280 7.78 5.53 12.22
C THR A 280 7.03 6.43 11.25
N ILE A 281 6.99 5.99 9.99
CA ILE A 281 6.26 6.72 8.96
C ILE A 281 4.79 6.88 9.36
N GLU A 282 4.17 5.80 9.85
CA GLU A 282 2.73 5.84 10.06
C GLU A 282 2.33 6.60 11.31
N GLU A 283 3.19 6.66 12.33
CA GLU A 283 2.83 7.41 13.53
C GLU A 283 3.38 8.84 13.51
N ASN A 284 4.64 9.01 13.17
CA ASN A 284 5.26 10.33 13.21
C ASN A 284 5.12 11.09 11.89
N GLY A 285 4.65 10.43 10.84
CA GLY A 285 4.39 11.13 9.60
C GLY A 285 2.91 11.37 9.36
N GLN A 286 2.14 11.57 10.43
CA GLN A 286 0.72 11.83 10.29
C GLN A 286 0.48 13.04 9.40
N GLY A 287 -0.44 12.89 8.44
CA GLY A 287 -0.77 13.97 7.53
C GLY A 287 0.25 14.24 6.46
N MET A 288 1.31 13.46 6.39
CA MET A 288 2.32 13.58 5.35
C MET A 288 2.09 12.53 4.29
N LEU A 289 2.71 12.73 3.14
CA LEU A 289 2.70 11.70 2.10
C LEU A 289 3.57 10.54 2.57
N GLN A 290 2.94 9.41 2.91
CA GLN A 290 3.62 8.29 3.53
C GLN A 290 3.99 7.27 2.45
N VAL A 291 5.28 6.97 2.35
CA VAL A 291 5.76 6.07 1.32
C VAL A 291 5.54 4.64 1.78
N ASP A 292 4.97 3.82 0.88
CA ASP A 292 4.93 2.36 1.02
C ASP A 292 6.07 1.81 0.16
N PHE A 293 7.02 1.13 0.81
CA PHE A 293 8.15 0.50 0.11
C PHE A 293 7.61 -0.73 -0.63
N ALA A 294 7.05 -0.49 -1.81
CA ALA A 294 6.14 -1.48 -2.40
C ALA A 294 6.85 -2.49 -3.30
N ASN A 295 6.16 -3.61 -3.52
CA ASN A 295 6.43 -4.51 -4.63
C ASN A 295 5.65 -3.99 -5.84
N ARG A 296 6.15 -4.29 -7.04
CA ARG A 296 5.41 -3.89 -8.24
C ARG A 296 4.00 -4.47 -8.26
N PHE A 297 3.82 -5.65 -7.67
CA PHE A 297 2.49 -6.16 -7.34
C PHE A 297 2.12 -5.56 -5.99
N VAL A 298 1.27 -4.53 -5.97
CA VAL A 298 1.11 -3.74 -4.76
C VAL A 298 0.67 -4.65 -3.61
N GLY A 299 1.19 -4.37 -2.41
CA GLY A 299 0.93 -5.18 -1.25
C GLY A 299 1.88 -6.34 -1.06
N GLY A 300 2.69 -6.66 -2.07
CA GLY A 300 3.72 -7.68 -1.90
C GLY A 300 3.13 -8.98 -1.41
N GLY A 301 3.74 -9.53 -0.36
CA GLY A 301 3.29 -10.79 0.18
C GLY A 301 2.30 -10.68 1.33
N VAL A 302 1.45 -9.65 1.34
CA VAL A 302 0.58 -9.46 2.50
C VAL A 302 -0.36 -10.66 2.67
N THR A 303 -0.92 -11.16 1.57
CA THR A 303 -1.83 -12.30 1.62
C THR A 303 -1.11 -13.65 1.58
N SER A 304 0.22 -13.67 1.71
CA SER A 304 1.01 -14.89 1.74
C SER A 304 2.05 -14.80 2.86
N ALA A 305 3.35 -14.79 2.55
CA ALA A 305 4.36 -14.91 3.60
C ALA A 305 5.08 -13.61 3.96
N GLY A 306 4.93 -12.53 3.20
CA GLY A 306 5.70 -11.34 3.49
C GLY A 306 5.24 -10.60 4.75
N LEU A 307 6.21 -10.01 5.46
CA LEU A 307 5.87 -9.27 6.69
C LEU A 307 6.90 -8.18 7.01
N VAL A 308 7.18 -7.33 6.03
CA VAL A 308 8.13 -6.24 6.03
C VAL A 308 7.28 -4.97 5.88
N GLN A 309 7.90 -3.83 5.60
CA GLN A 309 7.24 -2.54 5.75
C GLN A 309 5.91 -2.49 5.00
N GLU A 310 5.89 -2.90 3.73
CA GLU A 310 4.65 -2.80 2.96
C GLU A 310 3.56 -3.70 3.55
N GLU A 311 3.91 -4.95 3.84
CA GLU A 311 2.90 -5.89 4.33
C GLU A 311 2.34 -5.45 5.67
N ILE A 312 3.21 -4.97 6.57
CA ILE A 312 2.74 -4.49 7.85
C ILE A 312 1.73 -3.38 7.68
N ARG A 313 2.02 -2.43 6.79
CA ARG A 313 1.08 -1.31 6.59
C ARG A 313 -0.25 -1.81 6.03
N PHE A 314 -0.20 -2.76 5.10
CA PHE A 314 -1.42 -3.33 4.54
C PHE A 314 -2.21 -4.12 5.58
N LEU A 315 -1.55 -4.60 6.63
CA LEU A 315 -2.25 -5.35 7.67
C LEU A 315 -2.90 -4.42 8.69
N ILE A 316 -2.20 -3.37 9.11
CA ILE A 316 -2.78 -2.48 10.11
C ILE A 316 -3.75 -1.50 9.49
N ASN A 317 -3.64 -1.24 8.18
CA ASN A 317 -4.63 -0.50 7.40
C ASN A 317 -5.17 -1.42 6.30
N PRO A 318 -6.03 -2.39 6.65
CA PRO A 318 -6.39 -3.42 5.67
C PRO A 318 -7.12 -2.91 4.43
N GLU A 319 -7.77 -1.75 4.48
CA GLU A 319 -8.40 -1.23 3.29
C GLU A 319 -7.39 -1.08 2.14
N LEU A 320 -6.11 -0.95 2.47
CA LEU A 320 -5.08 -0.97 1.43
C LEU A 320 -5.11 -2.26 0.63
N ILE A 321 -5.44 -3.38 1.28
CA ILE A 321 -5.37 -4.68 0.63
C ILE A 321 -6.27 -4.73 -0.60
N ILE A 322 -7.38 -4.00 -0.58
CA ILE A 322 -8.31 -4.14 -1.69
C ILE A 322 -7.74 -3.56 -2.97
N SER A 323 -6.70 -2.72 -2.89
CA SER A 323 -6.03 -2.25 -4.09
C SER A 323 -5.59 -3.42 -4.97
N ARG A 324 -5.32 -4.57 -4.36
CA ARG A 324 -4.91 -5.76 -5.09
C ARG A 324 -6.02 -6.34 -5.95
N LEU A 325 -7.28 -6.00 -5.65
CA LEU A 325 -8.37 -6.48 -6.48
C LEU A 325 -8.33 -5.88 -7.87
N PHE A 326 -7.90 -4.61 -7.98
CA PHE A 326 -8.05 -3.90 -9.24
C PHE A 326 -6.82 -3.17 -9.76
N THR A 327 -5.67 -3.29 -9.10
CA THR A 327 -4.47 -2.55 -9.51
C THR A 327 -3.49 -3.46 -10.22
N GLU A 328 -3.31 -3.24 -11.52
CA GLU A 328 -2.36 -4.01 -12.30
C GLU A 328 -0.93 -3.71 -11.85
N VAL A 329 -0.04 -4.68 -12.07
CA VAL A 329 1.36 -4.52 -11.70
C VAL A 329 1.87 -3.19 -12.22
N LEU A 330 2.65 -2.49 -11.40
CA LEU A 330 3.10 -1.14 -11.73
C LEU A 330 4.25 -1.20 -12.73
N ASP A 331 4.16 -0.40 -13.78
CA ASP A 331 5.26 -0.19 -14.71
C ASP A 331 6.22 0.85 -14.13
N HIS A 332 7.35 1.04 -14.82
CA HIS A 332 8.40 1.88 -14.24
C HIS A 332 7.94 3.32 -14.02
N ASN A 333 6.98 3.80 -14.79
CA ASN A 333 6.58 5.20 -14.69
C ASN A 333 5.31 5.41 -13.89
N GLU A 334 4.92 4.43 -13.08
CA GLU A 334 3.62 4.48 -12.42
C GLU A 334 3.71 4.30 -10.92
N CYS A 335 2.68 4.79 -10.23
CA CYS A 335 2.52 4.56 -8.80
C CYS A 335 1.02 4.44 -8.50
N LEU A 336 0.73 4.10 -7.24
CA LEU A 336 -0.62 4.03 -6.72
C LEU A 336 -0.70 4.90 -5.47
N ILE A 337 -1.67 5.82 -5.45
CA ILE A 337 -1.86 6.76 -4.35
C ILE A 337 -3.20 6.42 -3.69
N ILE A 338 -3.17 6.14 -2.39
CA ILE A 338 -4.38 5.76 -1.66
C ILE A 338 -4.60 6.75 -0.53
N THR A 339 -5.76 7.40 -0.53
CA THR A 339 -6.12 8.43 0.42
C THR A 339 -7.35 7.97 1.19
N GLY A 340 -7.24 7.93 2.52
CA GLY A 340 -8.38 7.65 3.36
C GLY A 340 -8.34 6.35 4.14
N THR A 341 -7.30 5.52 3.99
CA THR A 341 -7.33 4.27 4.75
C THR A 341 -7.17 4.56 6.23
N GLU A 342 -7.80 3.72 7.04
CA GLU A 342 -7.88 3.85 8.49
C GLU A 342 -6.99 2.80 9.14
N GLN A 343 -6.33 3.17 10.23
CA GLN A 343 -5.53 2.24 11.00
C GLN A 343 -6.42 1.57 12.04
N TYR A 344 -6.45 0.24 12.02
CA TYR A 344 -7.26 -0.54 12.93
C TYR A 344 -6.46 -1.29 13.98
N SER A 345 -5.15 -1.46 13.79
CA SER A 345 -4.32 -2.22 14.70
C SER A 345 -3.04 -1.45 15.02
N GLU A 346 -2.51 -1.73 16.21
CA GLU A 346 -1.13 -1.42 16.59
C GLU A 346 -0.33 -2.72 16.63
N TYR A 347 0.98 -2.59 16.46
CA TYR A 347 1.85 -3.75 16.33
C TYR A 347 3.20 -3.42 16.96
N THR A 348 4.01 -4.46 17.13
CA THR A 348 5.44 -4.32 17.45
C THR A 348 6.24 -5.22 16.52
N GLY A 349 7.52 -4.89 16.36
CA GLY A 349 8.44 -5.70 15.58
C GLY A 349 8.19 -5.73 14.07
N TYR A 350 8.86 -6.67 13.43
CA TYR A 350 8.73 -6.90 12.00
C TYR A 350 9.25 -8.30 11.67
N ALA A 351 8.79 -8.82 10.53
CA ALA A 351 9.19 -10.15 10.07
C ALA A 351 9.00 -11.18 11.18
N GLU A 352 10.09 -11.80 11.61
CA GLU A 352 9.98 -12.86 12.61
C GLU A 352 9.53 -12.35 13.97
N THR A 353 9.70 -11.05 14.25
CA THR A 353 9.29 -10.50 15.54
C THR A 353 8.00 -9.71 15.48
N TYR A 354 7.35 -9.64 14.32
CA TYR A 354 6.08 -8.93 14.21
C TYR A 354 5.06 -9.55 15.16
N ARG A 355 4.35 -8.70 15.91
CA ARG A 355 3.24 -9.14 16.76
C ARG A 355 2.14 -8.10 16.70
N TRP A 356 0.91 -8.59 16.57
CA TRP A 356 -0.25 -7.74 16.82
C TRP A 356 -0.28 -7.33 18.28
N SER A 357 -0.47 -6.03 18.53
CA SER A 357 -0.49 -5.53 19.91
C SER A 357 -1.90 -5.34 20.45
N ARG A 358 -2.77 -4.66 19.71
CA ARG A 358 -4.06 -4.26 20.24
C ARG A 358 -4.82 -3.55 19.14
N SER A 359 -6.13 -3.38 19.35
CA SER A 359 -6.93 -2.55 18.47
C SER A 359 -6.51 -1.09 18.58
N HIS A 360 -6.61 -0.38 17.45
CA HIS A 360 -6.26 1.03 17.37
C HIS A 360 -7.49 1.84 16.99
N GLU A 361 -7.78 2.89 17.74
CA GLU A 361 -8.82 3.87 17.39
C GLU A 361 -8.16 5.00 16.61
N ASP A 362 -8.43 5.07 15.30
CA ASP A 362 -7.84 6.08 14.43
C ASP A 362 -8.44 7.45 14.75
N GLY A 363 -7.59 8.41 15.07
CA GLY A 363 -8.00 9.76 15.37
C GLY A 363 -7.81 10.75 14.25
N SER A 364 -7.42 10.30 13.07
CA SER A 364 -7.23 11.21 11.94
C SER A 364 -8.51 11.98 11.65
N GLU A 365 -8.36 13.27 11.37
CA GLU A 365 -9.46 14.04 10.81
C GLU A 365 -9.81 13.51 9.43
N ARG A 366 -11.03 13.79 8.98
CA ARG A 366 -11.46 13.47 7.63
C ARG A 366 -11.58 14.74 6.81
N ASP A 367 -11.28 14.63 5.51
CA ASP A 367 -11.39 15.77 4.61
C ASP A 367 -12.84 15.92 4.16
N ASP A 368 -13.10 16.85 3.23
CA ASP A 368 -14.46 17.14 2.80
C ASP A 368 -15.09 16.01 2.02
N TRP A 369 -14.32 15.01 1.60
CA TRP A 369 -14.88 13.80 0.99
C TRP A 369 -15.02 12.67 2.00
N GLN A 370 -14.97 12.98 3.30
CA GLN A 370 -15.03 11.99 4.38
C GLN A 370 -13.95 10.93 4.25
N ARG A 371 -12.78 11.30 3.75
CA ARG A 371 -11.60 10.44 3.73
C ARG A 371 -10.68 10.81 4.88
N ARG A 372 -10.25 9.81 5.66
CA ARG A 372 -9.20 10.05 6.64
C ARG A 372 -8.04 10.80 5.97
N CYS A 373 -7.48 11.78 6.68
CA CYS A 373 -6.36 12.57 6.17
C CYS A 373 -5.06 11.78 6.30
N THR A 374 -5.02 10.67 5.57
CA THR A 374 -3.90 9.75 5.50
C THR A 374 -3.70 9.44 4.02
N GLU A 375 -2.56 9.82 3.47
CA GLU A 375 -2.23 9.59 2.07
C GLU A 375 -0.99 8.71 2.01
N ILE A 376 -1.10 7.57 1.32
CA ILE A 376 -0.03 6.59 1.18
C ILE A 376 0.25 6.41 -0.30
N VAL A 377 1.52 6.39 -0.68
CA VAL A 377 1.88 6.14 -2.07
C VAL A 377 2.75 4.89 -2.16
N ALA A 378 2.33 3.95 -3.00
CA ALA A 378 3.09 2.75 -3.29
C ALA A 378 4.04 3.04 -4.45
N ILE A 379 5.34 3.00 -4.17
CA ILE A 379 6.36 3.05 -5.21
C ILE A 379 7.30 1.88 -5.00
N ASP A 380 7.51 1.10 -6.05
CA ASP A 380 8.31 -0.11 -5.98
C ASP A 380 9.74 0.22 -6.42
N ALA A 381 10.70 -0.05 -5.54
CA ALA A 381 12.10 0.06 -5.91
C ALA A 381 12.50 -1.16 -6.74
N LEU A 382 13.65 -1.05 -7.39
CA LEU A 382 14.21 -2.18 -8.11
C LEU A 382 14.89 -3.15 -7.15
N HIS A 383 14.95 -4.41 -7.56
CA HIS A 383 15.65 -5.46 -6.84
C HIS A 383 16.98 -5.70 -7.54
N PHE A 384 18.08 -5.45 -6.84
CA PHE A 384 19.40 -5.53 -7.44
C PHE A 384 20.06 -6.85 -7.09
N ARG A 385 20.42 -7.60 -8.13
CA ARG A 385 21.15 -8.84 -7.94
C ARG A 385 22.56 -8.56 -7.47
N ARG A 386 23.18 -7.50 -8.00
CA ARG A 386 24.53 -7.09 -7.63
C ARG A 386 24.47 -5.67 -7.09
N TYR A 387 25.16 -5.44 -5.97
CA TYR A 387 25.15 -4.12 -5.34
C TYR A 387 25.52 -3.01 -6.32
N LEU A 388 26.54 -3.23 -7.15
CA LEU A 388 26.98 -2.16 -8.04
C LEU A 388 25.96 -1.87 -9.13
N ASP A 389 25.04 -2.80 -9.42
CA ASP A 389 24.07 -2.58 -10.49
C ASP A 389 23.28 -1.29 -10.29
N GLN A 390 23.07 -0.87 -9.04
CA GLN A 390 22.16 0.26 -8.81
C GLN A 390 22.79 1.61 -9.12
N PHE A 391 24.11 1.69 -9.28
CA PHE A 391 24.75 2.93 -9.68
C PHE A 391 24.79 3.12 -11.19
N VAL A 392 24.33 2.13 -11.96
CA VAL A 392 24.20 2.32 -13.40
C VAL A 392 23.25 3.49 -13.66
N PRO A 393 23.64 4.46 -14.50
CA PRO A 393 22.76 5.64 -14.70
C PRO A 393 21.33 5.31 -15.05
N GLU A 394 21.07 4.30 -15.89
CA GLU A 394 19.70 3.96 -16.22
C GLU A 394 18.93 3.49 -14.99
N LYS A 395 19.60 2.84 -14.06
CA LYS A 395 18.93 2.39 -12.83
C LYS A 395 18.72 3.53 -11.86
N MET A 396 19.69 4.45 -11.75
CA MET A 396 19.49 5.62 -10.91
C MET A 396 18.36 6.49 -11.45
N ARG A 397 18.34 6.72 -12.76
CA ARG A 397 17.28 7.52 -13.37
C ARG A 397 15.93 6.87 -13.16
N ARG A 398 15.85 5.55 -13.32
CA ARG A 398 14.61 4.82 -13.07
C ARG A 398 14.09 5.09 -11.66
N GLU A 399 14.95 4.96 -10.64
CA GLU A 399 14.50 5.17 -9.27
C GLU A 399 14.09 6.62 -9.04
N LEU A 400 14.85 7.56 -9.59
CA LEU A 400 14.49 8.97 -9.50
C LEU A 400 13.10 9.22 -10.08
N ASN A 401 12.85 8.68 -11.28
CA ASN A 401 11.57 8.89 -11.94
C ASN A 401 10.43 8.19 -11.22
N LYS A 402 10.70 7.02 -10.63
CA LYS A 402 9.68 6.33 -9.85
C LYS A 402 9.27 7.16 -8.63
N ALA A 403 10.26 7.60 -7.85
CA ALA A 403 9.95 8.44 -6.68
C ALA A 403 9.29 9.73 -7.11
N TYR A 404 9.78 10.35 -8.19
CA TYR A 404 9.20 11.60 -8.67
C TYR A 404 7.73 11.41 -9.02
N CYS A 405 7.40 10.32 -9.71
CA CYS A 405 6.01 10.04 -10.02
C CYS A 405 5.19 9.88 -8.75
N GLY A 406 5.76 9.23 -7.74
CA GLY A 406 5.04 9.06 -6.48
C GLY A 406 4.83 10.35 -5.74
N PHE A 407 5.75 11.32 -5.88
CA PHE A 407 5.69 12.56 -5.14
C PHE A 407 4.95 13.67 -5.88
N LEU A 408 4.89 13.61 -7.20
CA LEU A 408 4.35 14.72 -7.99
C LEU A 408 2.83 14.73 -7.94
N ARG A 409 2.26 15.93 -7.81
CA ARG A 409 0.82 16.13 -7.84
C ARG A 409 0.55 17.22 -8.87
N PRO A 410 0.32 16.84 -10.14
CA PRO A 410 -0.02 17.79 -11.21
C PRO A 410 -1.22 18.66 -10.88
N VAL A 412 -1.03 21.11 -8.47
CA VAL A 412 -1.09 21.54 -7.08
C VAL A 412 0.12 22.41 -6.74
N SER A 413 -0.11 23.52 -6.04
CA SER A 413 0.98 24.40 -5.64
C SER A 413 1.83 23.76 -4.54
N SER A 414 3.13 24.10 -4.56
CA SER A 414 4.04 23.53 -3.58
C SER A 414 3.60 23.85 -2.15
N GLU A 415 3.05 25.04 -1.94
CA GLU A 415 2.58 25.41 -0.61
C GLU A 415 1.45 24.50 -0.13
N ASN A 416 0.76 23.82 -1.04
CA ASN A 416 -0.31 22.92 -0.66
C ASN A 416 0.12 21.46 -0.62
N LEU A 417 1.43 21.19 -0.68
CA LEU A 417 1.93 19.81 -0.66
C LEU A 417 2.54 19.49 0.70
N SER A 418 2.05 18.42 1.32
CA SER A 418 2.66 17.93 2.54
C SER A 418 4.09 17.46 2.27
N ALA A 419 4.87 17.39 3.35
CA ALA A 419 6.17 16.74 3.29
C ALA A 419 6.01 15.26 2.95
N VAL A 420 7.07 14.68 2.39
CA VAL A 420 7.15 13.24 2.16
C VAL A 420 7.73 12.58 3.40
N ALA A 421 7.04 11.58 3.94
CA ALA A 421 7.53 10.79 5.06
C ALA A 421 8.00 9.45 4.52
N THR A 422 9.30 9.17 4.65
CA THR A 422 9.85 8.01 3.98
C THR A 422 11.05 7.50 4.78
N GLY A 423 11.83 6.61 4.16
CA GLY A 423 12.96 5.99 4.79
C GLY A 423 13.77 5.19 3.79
N ASN A 424 14.42 4.13 4.25
CA ASN A 424 15.33 3.34 3.40
C ASN A 424 14.58 2.49 2.38
N TRP A 425 13.95 3.17 1.43
CA TRP A 425 13.22 2.53 0.34
C TRP A 425 14.11 1.60 -0.49
N GLY A 426 13.66 0.35 -0.64
CA GLY A 426 14.35 -0.61 -1.47
C GLY A 426 15.62 -1.18 -0.89
N CYS A 427 15.90 -0.96 0.37
CA CYS A 427 17.06 -1.51 1.04
C CYS A 427 16.65 -2.82 1.69
N GLY A 428 17.52 -3.37 2.50
CA GLY A 428 17.25 -4.71 2.98
C GLY A 428 17.21 -5.69 1.82
N ALA A 429 16.05 -6.33 1.61
CA ALA A 429 15.98 -7.49 0.72
C ALA A 429 16.28 -7.14 -0.74
N PHE A 430 15.93 -5.94 -1.17
CA PHE A 430 16.13 -5.54 -2.56
C PHE A 430 17.55 -5.05 -2.84
N GLY A 431 18.43 -5.00 -1.84
CA GLY A 431 19.83 -4.69 -2.09
C GLY A 431 20.16 -3.24 -2.33
N GLY A 432 19.21 -2.33 -2.12
CA GLY A 432 19.50 -0.92 -2.28
C GLY A 432 20.47 -0.42 -1.24
N ASP A 433 21.27 0.58 -1.64
CA ASP A 433 22.18 1.28 -0.76
C ASP A 433 21.42 2.45 -0.12
N ALA A 434 21.34 2.45 1.22
CA ALA A 434 20.51 3.45 1.88
C ALA A 434 20.99 4.87 1.59
N ARG A 435 22.30 5.09 1.52
CA ARG A 435 22.79 6.45 1.29
C ARG A 435 22.45 6.92 -0.11
N LEU A 436 22.55 6.03 -1.10
CA LEU A 436 22.12 6.42 -2.45
C LEU A 436 20.61 6.63 -2.51
N LYS A 437 19.84 5.69 -1.95
CA LYS A 437 18.38 5.80 -2.04
C LYS A 437 17.87 7.03 -1.29
N ALA A 438 18.51 7.39 -0.19
CA ALA A 438 18.13 8.63 0.50
C ALA A 438 18.38 9.84 -0.38
N LEU A 439 19.54 9.88 -1.04
CA LEU A 439 19.84 11.01 -1.92
C LEU A 439 18.89 11.03 -3.11
N ILE A 440 18.56 9.86 -3.66
CA ILE A 440 17.62 9.81 -4.80
C ILE A 440 16.26 10.36 -4.40
N GLN A 441 15.78 10.00 -3.21
CA GLN A 441 14.48 10.52 -2.78
C GLN A 441 14.55 12.02 -2.52
N ILE A 442 15.66 12.50 -1.96
CA ILE A 442 15.81 13.93 -1.72
C ILE A 442 15.75 14.69 -3.03
N LEU A 443 16.38 14.17 -4.08
CA LEU A 443 16.37 14.86 -5.37
C LEU A 443 14.98 14.82 -5.98
N ALA A 444 14.30 13.68 -5.90
CA ALA A 444 12.96 13.56 -6.46
C ALA A 444 11.98 14.46 -5.73
N ALA A 445 12.09 14.53 -4.39
CA ALA A 445 11.25 15.43 -3.62
C ALA A 445 11.55 16.88 -3.99
N ALA A 446 12.82 17.22 -4.22
CA ALA A 446 13.15 18.58 -4.64
C ALA A 446 12.49 18.92 -5.96
N ALA A 447 12.57 18.00 -6.93
CA ALA A 447 11.96 18.25 -8.23
C ALA A 447 10.45 18.38 -8.12
N ALA A 448 9.82 17.59 -7.24
CA ALA A 448 8.40 17.72 -6.99
C ALA A 448 8.07 18.84 -6.00
N GLU A 449 9.10 19.56 -5.52
CA GLU A 449 8.93 20.71 -4.63
C GLU A 449 8.25 20.32 -3.33
N ARG A 450 8.71 19.22 -2.74
CA ARG A 450 8.25 18.77 -1.43
C ARG A 450 9.44 18.63 -0.49
N ASP A 451 9.19 18.91 0.79
CA ASP A 451 10.17 18.64 1.84
C ASP A 451 10.17 17.16 2.18
N VAL A 452 11.23 16.72 2.89
CA VAL A 452 11.45 15.31 3.18
C VAL A 452 11.56 15.10 4.68
N VAL A 453 10.81 14.12 5.18
CA VAL A 453 10.92 13.63 6.55
C VAL A 453 11.37 12.18 6.44
N TYR A 454 12.56 11.88 6.96
CA TYR A 454 13.25 10.62 6.67
C TYR A 454 13.51 9.87 7.96
N PHE A 455 12.98 8.65 8.05
CA PHE A 455 13.10 7.80 9.23
C PHE A 455 14.12 6.71 8.97
N THR A 456 15.19 6.66 9.78
CA THR A 456 16.23 5.67 9.58
C THR A 456 16.03 4.42 10.44
N PHE A 457 14.96 4.35 11.23
CA PHE A 457 14.56 3.09 11.87
C PHE A 457 15.70 2.53 12.72
N GLY A 458 16.23 3.37 13.61
CA GLY A 458 17.21 2.96 14.61
C GLY A 458 18.66 3.19 14.24
N ASP A 459 18.96 3.56 13.01
CA ASP A 459 20.33 3.72 12.52
C ASP A 459 20.73 5.18 12.73
N SER A 460 21.40 5.44 13.85
CA SER A 460 21.77 6.82 14.17
C SER A 460 22.88 7.33 13.25
N GLU A 461 23.82 6.46 12.89
CA GLU A 461 24.91 6.88 12.00
C GLU A 461 24.37 7.30 10.65
N LEU A 462 23.42 6.54 10.11
CA LEU A 462 22.81 6.91 8.83
C LEU A 462 22.12 8.26 8.91
N MET A 463 21.38 8.50 10.00
CA MET A 463 20.76 9.81 10.21
C MET A 463 21.80 10.92 10.09
N ARG A 464 22.91 10.79 10.82
CA ARG A 464 23.95 11.81 10.78
C ARG A 464 24.51 11.98 9.38
N ASP A 465 24.73 10.87 8.67
CA ASP A 465 25.33 10.92 7.34
C ASP A 465 24.41 11.62 6.34
N ILE A 466 23.12 11.30 6.37
CA ILE A 466 22.16 11.94 5.47
C ILE A 466 22.05 13.42 5.77
N TYR A 467 21.92 13.77 7.05
CA TYR A 467 21.89 15.18 7.44
C TYR A 467 23.13 15.90 6.95
N SER A 468 24.31 15.32 7.18
CA SER A 468 25.55 15.99 6.84
C SER A 468 25.64 16.24 5.34
N MET A 469 25.28 15.25 4.53
CA MET A 469 25.31 15.42 3.08
C MET A 469 24.30 16.47 2.64
N HIS A 470 23.10 16.43 3.20
CA HIS A 470 22.06 17.37 2.81
C HIS A 470 22.47 18.81 3.09
N ILE A 471 22.99 19.07 4.29
CA ILE A 471 23.36 20.46 4.59
C ILE A 471 24.60 20.86 3.80
N PHE A 472 25.52 19.91 3.54
CA PHE A 472 26.68 20.20 2.69
C PHE A 472 26.22 20.66 1.31
N LEU A 473 25.30 19.91 0.69
CA LEU A 473 24.84 20.26 -0.65
C LEU A 473 24.02 21.55 -0.65
N THR A 474 23.17 21.75 0.35
CA THR A 474 22.35 22.96 0.35
C THR A 474 23.19 24.20 0.64
N GLU A 475 24.11 24.12 1.61
CA GLU A 475 24.95 25.27 1.91
C GLU A 475 25.76 25.72 0.70
N ARG A 476 26.13 24.78 -0.18
CA ARG A 476 26.87 25.12 -1.39
C ARG A 476 25.94 25.39 -2.56
N LYS A 477 24.63 25.40 -2.34
CA LYS A 477 23.64 25.79 -3.33
C LYS A 477 23.69 24.89 -4.57
N LEU A 478 24.01 23.61 -4.40
CA LEU A 478 23.98 22.68 -5.51
C LEU A 478 22.54 22.37 -5.91
N THR A 479 22.28 22.38 -7.21
CA THR A 479 20.97 22.08 -7.76
C THR A 479 20.76 20.57 -7.83
N VAL A 480 19.52 20.17 -8.14
CA VAL A 480 19.23 18.77 -8.41
C VAL A 480 20.15 18.23 -9.50
N GLY A 481 20.31 19.01 -10.57
CA GLY A 481 21.17 18.58 -11.66
C GLY A 481 22.63 18.49 -11.28
N ASP A 482 23.10 19.44 -10.46
CA ASP A 482 24.47 19.38 -9.96
C ASP A 482 24.73 18.06 -9.24
N VAL A 483 23.80 17.64 -8.40
CA VAL A 483 23.97 16.41 -7.63
C VAL A 483 23.85 15.20 -8.54
N TYR A 484 22.87 15.20 -9.43
CA TYR A 484 22.72 14.06 -10.34
C TYR A 484 23.99 13.86 -11.16
N LYS A 485 24.62 14.96 -11.59
CA LYS A 485 25.86 14.82 -12.37
C LYS A 485 26.96 14.21 -11.52
N LEU A 486 26.96 14.47 -10.21
CA LEU A 486 27.91 13.84 -9.32
C LEU A 486 27.67 12.34 -9.20
N LEU A 487 26.40 11.92 -9.21
CA LEU A 487 26.12 10.50 -9.20
C LEU A 487 26.65 9.83 -10.46
N LEU A 488 26.49 10.49 -11.62
CA LEU A 488 27.03 9.94 -12.86
C LEU A 488 28.54 9.83 -12.81
N ARG A 489 29.20 10.81 -12.20
CA ARG A 489 30.65 10.75 -12.07
C ARG A 489 31.07 9.59 -11.17
N TYR A 490 30.35 9.39 -10.06
CA TYR A 490 30.66 8.28 -9.17
C TYR A 490 30.58 6.97 -9.92
N TYR A 491 29.49 6.76 -10.67
CA TYR A 491 29.38 5.56 -11.48
C TYR A 491 30.59 5.41 -12.39
N ASN A 492 30.89 6.46 -13.14
CA ASN A 492 31.96 6.36 -14.14
C ASN A 492 33.31 6.15 -13.48
N GLU A 493 33.57 6.83 -12.36
CA GLU A 493 34.89 6.79 -11.76
C GLU A 493 35.09 5.60 -10.82
N GLU A 494 34.02 5.10 -10.18
CA GLU A 494 34.18 4.08 -9.16
C GLU A 494 33.38 2.80 -9.37
N CYS A 495 32.45 2.77 -10.32
CA CYS A 495 31.59 1.60 -10.50
C CYS A 495 31.71 0.95 -11.87
N ARG A 496 31.75 1.73 -12.96
CA ARG A 496 31.66 1.12 -14.28
C ARG A 496 32.79 0.14 -14.53
N ASN A 497 34.03 0.53 -14.23
CA ASN A 497 35.19 -0.31 -14.48
C ASN A 497 35.66 -1.04 -13.23
N CYS A 498 34.83 -1.10 -12.20
CA CYS A 498 35.20 -1.77 -10.95
C CYS A 498 35.02 -3.28 -11.10
N GLY A 502 32.37 -4.61 -4.47
CA GLY A 502 32.12 -3.25 -4.03
C GLY A 502 33.13 -2.25 -4.54
N PRO A 503 32.81 -0.97 -4.45
CA PRO A 503 33.73 0.06 -4.96
C PRO A 503 34.78 0.47 -3.92
N ASP A 504 35.87 1.03 -4.45
CA ASP A 504 37.00 1.42 -3.59
C ASP A 504 36.66 2.59 -2.68
N ILE A 505 35.78 3.49 -3.12
CA ILE A 505 35.38 4.67 -2.37
C ILE A 505 33.87 4.67 -2.31
N LYS A 506 33.31 5.03 -1.16
CA LYS A 506 31.87 5.11 -1.00
C LYS A 506 31.33 6.40 -1.61
N LEU A 507 30.01 6.43 -1.79
CA LEU A 507 29.37 7.51 -2.55
C LEU A 507 29.52 8.85 -1.86
N TYR A 508 29.16 8.92 -0.57
CA TYR A 508 29.19 10.22 0.10
C TYR A 508 30.60 10.76 0.19
N PRO A 509 31.60 10.00 0.64
CA PRO A 509 32.99 10.50 0.56
C PRO A 509 33.37 10.97 -0.82
N PHE A 510 32.97 10.24 -1.87
CA PHE A 510 33.29 10.66 -3.23
C PHE A 510 32.69 12.03 -3.51
N ILE A 511 31.45 12.27 -3.09
CA ILE A 511 30.79 13.54 -3.37
C ILE A 511 31.48 14.67 -2.64
N TYR A 512 31.75 14.49 -1.34
CA TYR A 512 32.47 15.52 -0.59
C TYR A 512 33.76 15.89 -1.28
N HIS A 513 34.52 14.87 -1.69
CA HIS A 513 35.81 15.14 -2.31
C HIS A 513 35.65 15.86 -3.65
N ALA A 514 34.68 15.44 -4.46
CA ALA A 514 34.52 16.04 -5.78
C ALA A 514 34.14 17.50 -5.66
N VAL A 515 33.26 17.84 -4.71
CA VAL A 515 32.78 19.22 -4.59
C VAL A 515 33.85 20.09 -3.95
N GLU A 516 34.51 19.60 -2.90
CA GLU A 516 35.57 20.37 -2.26
C GLU A 516 36.79 20.55 -3.15
N SER A 517 36.97 19.67 -4.15
CA SER A 517 38.08 19.78 -5.08
C SER A 517 37.83 20.91 -6.08
C10 WDG B . 11.55 -4.06 7.42
N12 WDG B . 12.88 -6.21 6.66
C13 WDG B . 13.19 -7.59 7.06
C15 WDG B . 15.25 -7.83 5.62
C20 WDG B . 14.16 -5.54 6.22
C22 WDG B . 10.56 0.37 8.30
C01 WDG B . 11.10 4.15 8.13
C03 WDG B . 9.25 2.69 9.10
C05 WDG B . 7.37 1.34 10.11
C06 WDG B . 9.34 0.27 8.97
C08 WDG B . 9.99 -1.77 8.55
C11 WDG B . 12.27 -5.38 7.83
C14 WDG B . 13.91 -8.45 6.02
C16 WDG B . 15.82 -8.59 4.35
C19 WDG B . 15.14 -6.34 5.33
C23 WDG B . 11.21 1.61 7.98
N02 WDG B . 10.51 2.78 8.39
N04 WDG B . 8.66 1.41 9.37
N07 WDG B . 8.97 -1.06 9.13
N21 WDG B . 10.96 -0.94 8.04
O17 WDG B . 15.28 -9.69 4.07
O18 WDG B . 16.74 -8.05 3.71
O24 WDG B . 12.28 1.72 7.38
O25 WDG B . 8.66 3.70 9.46
S09 WDG B . 10.06 -3.54 8.44
H101 WDG B . 11.19 -4.13 6.38
H102 WDG B . 12.26 -3.21 7.46
H132 WDG B . 13.78 -7.55 8.01
H131 WDG B . 12.24 -8.08 7.38
H151 WDG B . 15.95 -7.96 6.48
H201 WDG B . 13.87 -4.59 5.71
H202 WDG B . 14.68 -5.21 7.15
H012 WDG B . 11.61 4.24 7.15
H013 WDG B . 11.86 4.46 8.86
H011 WDG B . 10.37 4.97 8.13
H051 WDG B . 7.38 0.60 10.92
H052 WDG B . 6.51 1.06 9.46
H053 WDG B . 7.09 2.29 10.59
H111 WDG B . 13.05 -5.14 8.58
H112 WDG B . 11.54 -6.01 8.41
H141 WDG B . 14.06 -9.48 6.41
H142 WDG B . 13.27 -8.60 5.13
H191 WDG B . 14.86 -6.20 4.27
H192 WDG B . 16.15 -5.88 5.41
H211 WDG B . 11.80 -1.21 7.57
#